data_3GS3
#
_entry.id   3GS3
#
_cell.length_a   68.336
_cell.length_b   68.336
_cell.length_c   139.340
_cell.angle_alpha   90.00
_cell.angle_beta   90.00
_cell.angle_gamma   90.00
#
_symmetry.space_group_name_H-M   'P 41 21 2'
#
loop_
_entity.id
_entity.type
_entity.pdbx_description
1 polymer Symplekin
2 water water
#
_entity_poly.entity_id   1
_entity_poly.type   'polypeptide(L)'
_entity_poly.pdbx_seq_one_letter_code
;NIGSGTDEKTATARAKVVDWCNELVIASPSTKCELLAKVQETVLGSCAELAEEFLESVLSLAHDSNMEVRKQVVAFVEQV
CKVKVELLPHVINVVSMLLRDNSAQVIKRVIQACGSIYKNGLQYLCSLMEPGDSAEQAWNILSLIKAQILDMIDNENDGI
RTNAIKFLEGVVVLQSFADEDSLKRDGDFSLADVPDHCTLFRREKLQEEGNNILDILLQFHGTTHISSVNLIACTSSLCT
IAKMRPIFMGAVVEAFK
;
_entity_poly.pdbx_strand_id   A
#
# COMPACT_ATOMS: atom_id res chain seq x y z
N LYS A 9 25.25 6.02 21.42
CA LYS A 9 24.49 7.27 21.72
C LYS A 9 23.65 7.70 20.52
N THR A 10 23.16 8.93 20.55
CA THR A 10 22.34 9.41 19.45
C THR A 10 23.14 10.22 18.43
N ALA A 11 24.10 11.00 18.91
CA ALA A 11 24.92 11.82 18.02
C ALA A 11 25.78 10.94 17.14
N THR A 12 26.22 9.80 17.68
CA THR A 12 27.07 8.89 16.91
C THR A 12 26.26 8.08 15.91
N ALA A 13 25.02 7.73 16.26
CA ALA A 13 24.18 6.97 15.35
C ALA A 13 23.83 7.87 14.17
N ARG A 14 23.57 9.14 14.48
CA ARG A 14 23.22 10.11 13.46
C ARG A 14 24.40 10.45 12.58
N ALA A 15 25.59 10.47 13.18
CA ALA A 15 26.79 10.80 12.43
C ALA A 15 27.04 9.79 11.33
N LYS A 16 26.79 8.52 11.61
CA LYS A 16 27.00 7.46 10.62
C LYS A 16 25.98 7.56 9.49
N VAL A 17 24.75 7.91 9.85
CA VAL A 17 23.71 8.05 8.84
C VAL A 17 24.10 9.17 7.88
N VAL A 18 24.58 10.28 8.40
CA VAL A 18 25.01 11.40 7.57
C VAL A 18 26.07 10.93 6.58
N ASP A 19 27.04 10.14 7.04
CA ASP A 19 28.08 9.62 6.17
C ASP A 19 27.53 8.66 5.15
N TRP A 20 26.61 7.80 5.59
CA TRP A 20 25.98 6.86 4.69
C TRP A 20 25.20 7.58 3.60
N CYS A 21 24.49 8.63 3.98
CA CYS A 21 23.70 9.39 3.02
C CYS A 21 24.59 10.10 2.01
N ASN A 22 25.68 10.72 2.48
CA ASN A 22 26.61 11.41 1.60
C ASN A 22 27.25 10.48 0.61
N GLU A 23 27.33 9.19 0.96
CA GLU A 23 27.91 8.22 0.06
C GLU A 23 26.85 7.80 -0.99
N LEU A 24 25.58 7.84 -0.62
CA LEU A 24 24.49 7.48 -1.52
C LEU A 24 24.60 8.30 -2.80
N VAL A 25 24.97 9.56 -2.63
CA VAL A 25 25.12 10.50 -3.72
C VAL A 25 26.11 10.00 -4.79
N ILE A 26 27.16 9.33 -4.35
CA ILE A 26 28.21 8.87 -5.26
C ILE A 26 28.39 7.36 -5.44
N ALA A 27 27.64 6.55 -4.69
CA ALA A 27 27.77 5.09 -4.74
C ALA A 27 27.23 4.43 -6.00
N SER A 28 27.55 3.14 -6.15
CA SER A 28 27.09 2.35 -7.28
C SER A 28 25.67 1.87 -6.91
N PRO A 29 24.89 1.38 -7.89
CA PRO A 29 23.53 0.93 -7.57
C PRO A 29 23.53 -0.08 -6.41
N SER A 30 24.33 -1.11 -6.57
CA SER A 30 24.46 -2.17 -5.58
C SER A 30 24.78 -1.66 -4.16
N THR A 31 25.67 -0.68 -4.08
CA THR A 31 26.05 -0.12 -2.79
C THR A 31 24.99 0.82 -2.25
N LYS A 32 24.26 1.47 -3.17
CA LYS A 32 23.17 2.37 -2.79
C LYS A 32 22.12 1.54 -2.08
N CYS A 33 21.86 0.35 -2.61
CA CYS A 33 20.88 -0.53 -1.99
C CYS A 33 21.33 -0.91 -0.59
N GLU A 34 22.63 -1.14 -0.43
CA GLU A 34 23.18 -1.50 0.87
C GLU A 34 23.11 -0.36 1.89
N LEU A 35 23.39 0.86 1.45
CA LEU A 35 23.36 2.03 2.33
C LEU A 35 21.93 2.38 2.74
N LEU A 36 20.98 2.14 1.84
CA LEU A 36 19.58 2.43 2.13
C LEU A 36 19.13 1.49 3.26
N ALA A 37 19.52 0.22 3.15
CA ALA A 37 19.19 -0.78 4.15
C ALA A 37 19.73 -0.35 5.50
N LYS A 38 20.97 0.11 5.52
CA LYS A 38 21.61 0.52 6.75
C LYS A 38 20.96 1.76 7.34
N VAL A 39 20.68 2.75 6.50
CA VAL A 39 20.02 3.96 6.97
C VAL A 39 18.65 3.61 7.55
N GLN A 40 17.94 2.70 6.88
CA GLN A 40 16.62 2.28 7.32
C GLN A 40 16.74 1.66 8.71
N GLU A 41 17.63 0.70 8.85
CA GLU A 41 17.84 0.02 10.13
C GLU A 41 18.01 0.98 11.28
N THR A 42 18.64 2.12 11.02
CA THR A 42 18.87 3.09 12.06
C THR A 42 17.77 4.12 12.28
N VAL A 43 17.41 4.85 11.23
CA VAL A 43 16.40 5.90 11.35
C VAL A 43 14.96 5.42 11.53
N LEU A 44 14.71 4.14 11.28
CA LEU A 44 13.37 3.56 11.46
C LEU A 44 13.39 2.44 12.51
N GLY A 45 14.49 2.32 13.23
CA GLY A 45 14.62 1.30 14.26
C GLY A 45 15.46 1.78 15.44
N SER A 46 16.74 1.44 15.43
CA SER A 46 17.69 1.80 16.48
C SER A 46 17.55 3.24 16.99
N CYS A 47 17.39 4.19 16.07
CA CYS A 47 17.26 5.58 16.45
C CYS A 47 16.15 6.21 15.58
N ALA A 48 14.92 5.80 15.84
CA ALA A 48 13.74 6.26 15.10
C ALA A 48 13.47 7.77 15.15
N GLU A 49 14.09 8.47 16.07
CA GLU A 49 13.87 9.92 16.16
C GLU A 49 14.62 10.62 15.03
N LEU A 50 15.43 9.86 14.31
CA LEU A 50 16.24 10.39 13.20
C LEU A 50 15.53 10.37 11.85
N ALA A 51 14.44 9.62 11.78
CA ALA A 51 13.67 9.45 10.57
C ALA A 51 13.31 10.71 9.79
N GLU A 52 12.70 11.69 10.44
CA GLU A 52 12.30 12.88 9.71
C GLU A 52 13.44 13.67 9.08
N GLU A 53 14.59 13.71 9.75
CA GLU A 53 15.75 14.46 9.25
C GLU A 53 16.32 13.95 7.93
N PHE A 54 16.27 12.63 7.77
CA PHE A 54 16.83 12.01 6.59
C PHE A 54 15.83 11.53 5.55
N LEU A 55 14.56 11.85 5.78
CA LEU A 55 13.49 11.47 4.86
C LEU A 55 13.77 12.00 3.46
N GLU A 56 14.08 13.29 3.38
CA GLU A 56 14.37 13.94 2.11
C GLU A 56 15.47 13.21 1.36
N SER A 57 16.65 13.13 1.95
CA SER A 57 17.79 12.45 1.33
C SER A 57 17.45 11.06 0.76
N VAL A 58 16.60 10.32 1.47
CA VAL A 58 16.20 8.98 1.03
C VAL A 58 15.21 9.02 -0.12
N LEU A 59 14.13 9.80 0.06
CA LEU A 59 13.10 9.90 -0.97
C LEU A 59 13.65 10.32 -2.32
N SER A 60 14.81 10.97 -2.30
CA SER A 60 15.51 11.44 -3.48
C SER A 60 15.90 10.30 -4.41
N LEU A 61 16.23 9.15 -3.84
CA LEU A 61 16.62 8.01 -4.65
C LEU A 61 15.45 7.37 -5.38
N ALA A 62 14.25 7.89 -5.16
CA ALA A 62 13.07 7.37 -5.85
C ALA A 62 13.24 7.77 -7.31
N HIS A 63 14.16 8.68 -7.57
CA HIS A 63 14.43 9.15 -8.91
C HIS A 63 15.67 8.52 -9.53
N ASP A 64 16.31 7.61 -8.81
CA ASP A 64 17.49 6.96 -9.35
C ASP A 64 17.13 6.26 -10.64
N SER A 65 18.13 6.06 -11.50
CA SER A 65 17.90 5.40 -12.78
C SER A 65 17.94 3.88 -12.69
N ASN A 66 18.50 3.36 -11.59
CA ASN A 66 18.57 1.91 -11.40
C ASN A 66 17.32 1.47 -10.66
N MET A 67 16.62 0.49 -11.21
CA MET A 67 15.39 0.01 -10.62
C MET A 67 15.51 -0.74 -9.29
N GLU A 68 16.63 -1.39 -9.05
CA GLU A 68 16.81 -2.10 -7.78
C GLU A 68 16.83 -1.04 -6.69
N VAL A 69 17.52 0.05 -6.98
CA VAL A 69 17.61 1.18 -6.04
C VAL A 69 16.20 1.70 -5.71
N ARG A 70 15.39 1.88 -6.74
CA ARG A 70 14.03 2.37 -6.55
C ARG A 70 13.19 1.39 -5.73
N LYS A 71 13.39 0.10 -5.95
CA LYS A 71 12.64 -0.91 -5.20
C LYS A 71 13.05 -0.85 -3.74
N GLN A 72 14.29 -0.42 -3.50
CA GLN A 72 14.80 -0.31 -2.13
C GLN A 72 14.14 0.88 -1.43
N VAL A 73 13.88 1.95 -2.18
CA VAL A 73 13.20 3.11 -1.61
C VAL A 73 11.77 2.71 -1.27
N VAL A 74 11.21 1.79 -2.07
CA VAL A 74 9.85 1.31 -1.83
C VAL A 74 9.79 0.61 -0.47
N ALA A 75 10.75 -0.28 -0.23
CA ALA A 75 10.84 -0.99 1.04
C ALA A 75 10.94 0.01 2.19
N PHE A 76 11.75 1.06 2.00
CA PHE A 76 11.90 2.07 3.03
C PHE A 76 10.56 2.75 3.31
N VAL A 77 9.84 3.13 2.26
CA VAL A 77 8.55 3.80 2.46
C VAL A 77 7.51 2.90 3.14
N GLU A 78 7.48 1.63 2.78
CA GLU A 78 6.53 0.73 3.40
C GLU A 78 6.82 0.65 4.89
N GLN A 79 8.10 0.60 5.23
CA GLN A 79 8.51 0.52 6.63
C GLN A 79 8.07 1.77 7.37
N VAL A 80 8.31 2.92 6.76
CA VAL A 80 7.92 4.19 7.37
C VAL A 80 6.45 4.13 7.82
N CYS A 81 5.60 3.55 6.98
CA CYS A 81 4.20 3.50 7.32
C CYS A 81 3.79 2.43 8.32
N LYS A 82 4.72 1.53 8.64
CA LYS A 82 4.43 0.50 9.64
C LYS A 82 4.81 1.01 11.02
N VAL A 83 5.91 1.75 11.09
CA VAL A 83 6.44 2.24 12.36
C VAL A 83 6.47 3.74 12.61
N LYS A 84 6.26 4.55 11.58
CA LYS A 84 6.26 6.01 11.71
C LYS A 84 5.17 6.62 10.85
N VAL A 85 3.99 6.01 10.91
CA VAL A 85 2.83 6.41 10.12
C VAL A 85 2.53 7.91 10.14
N GLU A 86 3.11 8.65 11.08
CA GLU A 86 2.86 10.09 11.13
C GLU A 86 3.48 10.72 9.90
N LEU A 87 4.52 10.08 9.39
CA LEU A 87 5.25 10.58 8.23
C LEU A 87 4.65 10.13 6.90
N LEU A 88 3.58 9.34 6.96
CA LEU A 88 2.92 8.86 5.75
C LEU A 88 2.67 10.00 4.77
N PRO A 89 2.24 11.17 5.28
CA PRO A 89 1.99 12.32 4.40
C PRO A 89 3.20 12.70 3.57
N HIS A 90 4.39 12.63 4.19
CA HIS A 90 5.62 13.01 3.52
C HIS A 90 6.22 12.01 2.57
N VAL A 91 5.65 10.81 2.52
CA VAL A 91 6.20 9.77 1.65
C VAL A 91 5.17 9.23 0.66
N ILE A 92 3.90 9.49 0.96
CA ILE A 92 2.81 9.00 0.12
C ILE A 92 2.86 9.45 -1.34
N ASN A 93 3.54 10.55 -1.63
CA ASN A 93 3.62 10.98 -3.02
C ASN A 93 4.55 10.11 -3.85
N VAL A 94 5.60 9.63 -3.21
CA VAL A 94 6.58 8.77 -3.89
C VAL A 94 5.90 7.49 -4.31
N VAL A 95 5.01 7.02 -3.45
CA VAL A 95 4.26 5.81 -3.69
C VAL A 95 3.48 5.94 -4.97
N SER A 96 2.67 7.00 -5.05
CA SER A 96 1.85 7.27 -6.22
C SER A 96 2.65 7.44 -7.52
N MET A 97 3.72 8.22 -7.47
CA MET A 97 4.54 8.41 -8.68
C MET A 97 5.25 7.13 -9.09
N LEU A 98 5.71 6.34 -8.13
CA LEU A 98 6.39 5.11 -8.49
C LEU A 98 5.44 4.08 -9.10
N LEU A 99 4.14 4.33 -8.98
CA LEU A 99 3.15 3.43 -9.58
C LEU A 99 3.12 3.76 -11.08
N ARG A 100 3.79 4.84 -11.45
CA ARG A 100 3.87 5.25 -12.85
C ARG A 100 5.28 4.97 -13.38
N ASP A 101 6.00 4.11 -12.67
CA ASP A 101 7.36 3.74 -13.04
C ASP A 101 7.40 3.07 -14.40
N ASN A 102 8.57 3.05 -15.03
CA ASN A 102 8.72 2.42 -16.34
C ASN A 102 8.96 0.93 -16.23
N SER A 103 9.45 0.52 -15.06
CA SER A 103 9.74 -0.87 -14.78
C SER A 103 8.57 -1.57 -14.11
N ALA A 104 8.19 -2.72 -14.68
CA ALA A 104 7.09 -3.50 -14.15
C ALA A 104 7.50 -4.02 -12.76
N GLN A 105 8.74 -4.51 -12.67
CA GLN A 105 9.24 -5.01 -11.39
C GLN A 105 9.07 -3.97 -10.29
N VAL A 106 9.28 -2.70 -10.62
CA VAL A 106 9.12 -1.66 -9.62
C VAL A 106 7.65 -1.52 -9.24
N ILE A 107 6.81 -1.47 -10.26
CA ILE A 107 5.38 -1.34 -10.02
C ILE A 107 4.84 -2.51 -9.20
N LYS A 108 5.18 -3.74 -9.57
CA LYS A 108 4.70 -4.89 -8.83
C LYS A 108 5.09 -4.78 -7.36
N ARG A 109 6.28 -4.28 -7.11
CA ARG A 109 6.76 -4.12 -5.74
C ARG A 109 5.97 -3.03 -5.02
N VAL A 110 5.71 -1.92 -5.70
CA VAL A 110 4.94 -0.81 -5.13
C VAL A 110 3.54 -1.26 -4.75
N ILE A 111 2.88 -1.96 -5.68
CA ILE A 111 1.53 -2.48 -5.43
C ILE A 111 1.53 -3.29 -4.15
N GLN A 112 2.53 -4.17 -3.99
CA GLN A 112 2.66 -4.99 -2.79
C GLN A 112 2.78 -4.14 -1.55
N ALA A 113 3.65 -3.15 -1.59
CA ALA A 113 3.85 -2.28 -0.44
C ALA A 113 2.57 -1.53 -0.08
N CYS A 114 1.77 -1.21 -1.08
CA CYS A 114 0.51 -0.48 -0.85
C CYS A 114 -0.49 -1.23 0.01
N GLY A 115 -0.38 -2.55 0.05
CA GLY A 115 -1.29 -3.33 0.86
C GLY A 115 -1.24 -2.87 2.31
N SER A 116 -0.04 -2.85 2.88
CA SER A 116 0.13 -2.43 4.27
C SER A 116 0.04 -0.91 4.39
N ILE A 117 0.58 -0.21 3.40
CA ILE A 117 0.56 1.25 3.41
C ILE A 117 -0.89 1.78 3.47
N TYR A 118 -1.76 1.25 2.62
CA TYR A 118 -3.14 1.72 2.65
C TYR A 118 -3.81 1.34 3.96
N LYS A 119 -3.60 0.11 4.41
CA LYS A 119 -4.21 -0.32 5.65
C LYS A 119 -3.70 0.51 6.81
N ASN A 120 -2.39 0.63 6.94
CA ASN A 120 -1.85 1.43 8.03
C ASN A 120 -2.33 2.89 7.92
N GLY A 121 -2.33 3.39 6.68
CA GLY A 121 -2.76 4.75 6.44
C GLY A 121 -4.20 4.98 6.87
N LEU A 122 -5.07 4.05 6.47
CA LEU A 122 -6.48 4.15 6.81
C LEU A 122 -6.66 4.15 8.32
N GLN A 123 -6.01 3.19 8.99
CA GLN A 123 -6.11 3.05 10.44
C GLN A 123 -5.63 4.28 11.19
N TYR A 124 -4.62 4.95 10.65
CA TYR A 124 -4.08 6.15 11.28
C TYR A 124 -5.00 7.36 11.06
N LEU A 125 -5.20 7.71 9.79
CA LEU A 125 -6.01 8.86 9.41
C LEU A 125 -7.42 8.89 10.00
N CYS A 126 -8.12 7.76 10.00
CA CYS A 126 -9.47 7.71 10.54
C CYS A 126 -9.48 7.74 12.06
N SER A 127 -8.30 7.69 12.67
CA SER A 127 -8.20 7.72 14.13
C SER A 127 -8.01 9.15 14.66
N LEU A 128 -7.52 10.03 13.78
CA LEU A 128 -7.27 11.41 14.17
C LEU A 128 -8.56 12.19 14.41
N MET A 129 -8.58 12.97 15.48
CA MET A 129 -9.75 13.80 15.77
C MET A 129 -9.46 15.17 15.18
N GLU A 130 -10.34 15.61 14.27
CA GLU A 130 -10.18 16.89 13.58
C GLU A 130 -8.83 16.94 12.88
N PRO A 131 -8.60 15.99 11.96
CA PRO A 131 -7.35 15.91 11.21
C PRO A 131 -7.01 17.20 10.48
N GLY A 132 -5.72 17.49 10.39
CA GLY A 132 -5.26 18.69 9.72
C GLY A 132 -5.33 18.60 8.21
N ASP A 133 -4.85 19.62 7.53
CA ASP A 133 -4.88 19.62 6.08
C ASP A 133 -3.86 18.67 5.49
N SER A 134 -2.85 18.32 6.27
CA SER A 134 -1.84 17.39 5.79
C SER A 134 -2.41 15.99 5.82
N ALA A 135 -3.21 15.72 6.84
CA ALA A 135 -3.85 14.42 6.97
C ALA A 135 -4.84 14.26 5.82
N GLU A 136 -5.65 15.29 5.59
CA GLU A 136 -6.65 15.31 4.52
C GLU A 136 -6.01 15.14 3.15
N GLN A 137 -4.93 15.89 2.94
CA GLN A 137 -4.19 15.83 1.69
C GLN A 137 -3.66 14.42 1.47
N ALA A 138 -3.12 13.82 2.53
CA ALA A 138 -2.59 12.46 2.46
C ALA A 138 -3.71 11.48 2.12
N TRP A 139 -4.86 11.66 2.76
CA TRP A 139 -5.99 10.78 2.51
C TRP A 139 -6.39 10.82 1.04
N ASN A 140 -6.19 11.96 0.40
CA ASN A 140 -6.53 12.10 -1.00
C ASN A 140 -5.55 11.31 -1.86
N ILE A 141 -4.27 11.37 -1.53
CA ILE A 141 -3.28 10.64 -2.30
C ILE A 141 -3.56 9.13 -2.22
N LEU A 142 -4.09 8.70 -1.06
CA LEU A 142 -4.43 7.30 -0.86
C LEU A 142 -5.61 6.94 -1.77
N SER A 143 -6.58 7.85 -1.88
CA SER A 143 -7.73 7.64 -2.74
C SER A 143 -7.24 7.52 -4.17
N LEU A 144 -6.31 8.40 -4.54
CA LEU A 144 -5.75 8.39 -5.89
C LEU A 144 -4.99 7.07 -6.17
N ILE A 145 -4.27 6.58 -5.17
CA ILE A 145 -3.50 5.34 -5.29
C ILE A 145 -4.46 4.16 -5.54
N LYS A 146 -5.56 4.11 -4.78
CA LYS A 146 -6.54 3.06 -4.95
C LYS A 146 -7.02 3.02 -6.41
N ALA A 147 -7.24 4.21 -6.98
CA ALA A 147 -7.69 4.31 -8.36
C ALA A 147 -6.61 3.86 -9.33
N GLN A 148 -5.37 4.30 -9.10
CA GLN A 148 -4.26 3.92 -9.97
C GLN A 148 -4.16 2.41 -10.05
N ILE A 149 -4.24 1.74 -8.90
CA ILE A 149 -4.13 0.28 -8.88
C ILE A 149 -5.37 -0.38 -9.49
N LEU A 150 -6.54 0.21 -9.26
CA LEU A 150 -7.76 -0.34 -9.81
C LEU A 150 -7.65 -0.46 -11.32
N ASP A 151 -7.06 0.54 -11.96
CA ASP A 151 -6.91 0.53 -13.42
C ASP A 151 -5.92 -0.52 -13.89
N MET A 152 -5.04 -0.96 -12.99
CA MET A 152 -4.01 -1.93 -13.35
C MET A 152 -4.40 -3.38 -13.57
N ILE A 153 -5.65 -3.76 -13.31
CA ILE A 153 -6.01 -5.16 -13.56
C ILE A 153 -6.10 -5.29 -15.06
N ASP A 154 -6.14 -4.13 -15.74
CA ASP A 154 -6.24 -4.09 -17.19
C ASP A 154 -4.86 -3.85 -17.82
N ASN A 155 -3.82 -3.86 -16.98
CA ASN A 155 -2.45 -3.65 -17.44
C ASN A 155 -2.03 -4.86 -18.27
N GLU A 156 -1.07 -4.70 -19.17
CA GLU A 156 -0.65 -5.82 -20.00
C GLU A 156 0.42 -6.70 -19.38
N ASN A 157 0.90 -6.37 -18.19
CA ASN A 157 1.87 -7.22 -17.53
C ASN A 157 1.07 -8.13 -16.63
N ASP A 158 1.20 -9.43 -16.87
CA ASP A 158 0.48 -10.44 -16.11
C ASP A 158 0.73 -10.26 -14.62
N GLY A 159 2.00 -10.19 -14.25
CA GLY A 159 2.38 -10.03 -12.85
C GLY A 159 1.81 -8.80 -12.18
N ILE A 160 1.71 -7.70 -12.93
CA ILE A 160 1.17 -6.46 -12.38
C ILE A 160 -0.32 -6.68 -12.06
N ARG A 161 -0.98 -7.46 -12.90
CA ARG A 161 -2.39 -7.74 -12.70
C ARG A 161 -2.57 -8.60 -11.45
N THR A 162 -1.75 -9.65 -11.33
CA THR A 162 -1.83 -10.54 -10.18
C THR A 162 -1.74 -9.72 -8.89
N ASN A 163 -0.74 -8.85 -8.81
CA ASN A 163 -0.57 -8.00 -7.63
C ASN A 163 -1.75 -7.06 -7.42
N ALA A 164 -2.19 -6.40 -8.50
CA ALA A 164 -3.34 -5.49 -8.39
C ALA A 164 -4.56 -6.20 -7.80
N ILE A 165 -4.83 -7.41 -8.29
CA ILE A 165 -5.94 -8.23 -7.81
C ILE A 165 -5.86 -8.39 -6.30
N LYS A 166 -4.70 -8.83 -5.81
CA LYS A 166 -4.52 -9.04 -4.39
C LYS A 166 -4.71 -7.75 -3.58
N PHE A 167 -4.16 -6.65 -4.09
CA PHE A 167 -4.29 -5.38 -3.42
C PHE A 167 -5.76 -4.99 -3.32
N LEU A 168 -6.48 -5.17 -4.42
CA LEU A 168 -7.89 -4.80 -4.46
C LEU A 168 -8.71 -5.66 -3.52
N GLU A 169 -8.26 -6.89 -3.31
CA GLU A 169 -8.92 -7.83 -2.42
C GLU A 169 -8.99 -7.24 -1.02
N GLY A 170 -7.86 -6.71 -0.57
CA GLY A 170 -7.79 -6.13 0.75
C GLY A 170 -8.58 -4.86 0.94
N VAL A 171 -8.77 -4.09 -0.14
CA VAL A 171 -9.52 -2.86 -0.03
C VAL A 171 -10.99 -3.24 0.16
N VAL A 172 -11.44 -4.23 -0.60
CA VAL A 172 -12.82 -4.67 -0.48
C VAL A 172 -13.08 -5.12 0.97
N VAL A 173 -12.23 -6.01 1.47
CA VAL A 173 -12.38 -6.49 2.83
C VAL A 173 -12.35 -5.35 3.85
N LEU A 174 -11.48 -4.37 3.62
CA LEU A 174 -11.37 -3.22 4.51
C LEU A 174 -12.64 -2.37 4.44
N GLN A 175 -13.01 -2.00 3.22
CA GLN A 175 -14.17 -1.17 2.97
C GLN A 175 -15.51 -1.90 2.91
N SER A 176 -15.79 -2.65 3.96
CA SER A 176 -17.03 -3.40 4.08
C SER A 176 -17.20 -3.72 5.55
N PHE A 177 -18.40 -4.19 5.91
CA PHE A 177 -18.68 -4.54 7.29
C PHE A 177 -18.57 -6.01 7.63
N ALA A 178 -17.80 -6.28 8.67
CA ALA A 178 -17.61 -7.63 9.15
C ALA A 178 -18.79 -7.93 10.07
N ASP A 179 -19.51 -9.01 9.78
CA ASP A 179 -20.64 -9.39 10.61
C ASP A 179 -20.26 -10.51 11.57
N GLU A 180 -21.27 -11.15 12.15
CA GLU A 180 -21.03 -12.22 13.10
C GLU A 180 -20.76 -13.56 12.39
N ASP A 181 -20.68 -13.53 11.07
CA ASP A 181 -20.43 -14.74 10.29
C ASP A 181 -19.12 -14.65 9.50
N SER A 182 -18.39 -13.56 9.71
CA SER A 182 -17.12 -13.33 9.03
C SER A 182 -16.03 -14.30 9.50
N LEU A 183 -15.30 -14.88 8.56
CA LEU A 183 -14.22 -15.78 8.90
C LEU A 183 -13.30 -14.99 9.82
N LYS A 184 -12.81 -15.65 10.86
CA LYS A 184 -11.92 -15.00 11.83
C LYS A 184 -10.45 -14.95 11.41
N ARG A 185 -9.89 -13.73 11.41
CA ARG A 185 -8.48 -13.51 11.15
C ARG A 185 -8.07 -12.45 12.17
N ASP A 186 -6.89 -12.64 12.75
CA ASP A 186 -6.37 -11.75 13.79
C ASP A 186 -6.22 -10.26 13.45
N GLY A 187 -5.77 -9.94 12.25
CA GLY A 187 -5.58 -8.55 11.90
C GLY A 187 -6.78 -7.84 11.29
N ASP A 188 -7.86 -8.57 11.07
CA ASP A 188 -9.05 -8.00 10.45
C ASP A 188 -9.44 -6.59 10.92
N PHE A 189 -9.90 -5.80 9.96
CA PHE A 189 -10.34 -4.43 10.20
C PHE A 189 -11.42 -4.16 9.16
N SER A 190 -12.49 -3.49 9.58
CA SER A 190 -13.59 -3.16 8.67
C SER A 190 -14.15 -1.78 8.98
N LEU A 191 -15.13 -1.37 8.18
CA LEU A 191 -15.77 -0.08 8.35
C LEU A 191 -16.41 0.03 9.74
N ALA A 192 -16.58 -1.10 10.41
CA ALA A 192 -17.17 -1.13 11.74
C ALA A 192 -16.15 -0.63 12.79
N ASP A 193 -14.87 -0.72 12.44
CA ASP A 193 -13.80 -0.30 13.32
C ASP A 193 -13.48 1.19 13.20
N VAL A 194 -14.10 1.85 12.22
CA VAL A 194 -13.89 3.27 12.01
C VAL A 194 -14.61 4.04 13.13
N PRO A 195 -13.88 4.91 13.85
CA PRO A 195 -14.46 5.70 14.95
C PRO A 195 -15.73 6.43 14.49
N ASP A 196 -16.70 6.55 15.38
CA ASP A 196 -17.95 7.22 15.06
C ASP A 196 -17.69 8.70 14.76
N HIS A 197 -16.73 9.28 15.47
CA HIS A 197 -16.40 10.70 15.33
C HIS A 197 -15.74 11.06 14.00
N CYS A 198 -14.99 10.13 13.42
CA CYS A 198 -14.30 10.37 12.16
C CYS A 198 -15.16 11.00 11.07
N THR A 199 -14.62 12.06 10.46
CA THR A 199 -15.32 12.80 9.41
C THR A 199 -14.38 13.12 8.24
N LEU A 200 -13.32 12.33 8.09
CA LEU A 200 -12.35 12.51 7.01
C LEU A 200 -12.96 12.01 5.70
N PHE A 201 -13.85 11.04 5.83
CA PHE A 201 -14.57 10.40 4.71
C PHE A 201 -15.66 9.70 5.50
N ARG A 202 -16.56 8.99 4.83
CA ARG A 202 -17.57 8.26 5.60
C ARG A 202 -18.02 6.94 4.99
N ARG A 203 -18.12 5.97 5.89
CA ARG A 203 -18.50 4.61 5.60
C ARG A 203 -19.14 4.29 4.25
N GLU A 204 -20.33 4.84 3.96
CA GLU A 204 -21.00 4.52 2.69
C GLU A 204 -20.23 4.76 1.39
N LYS A 205 -19.40 5.80 1.36
CA LYS A 205 -18.64 6.10 0.15
C LYS A 205 -17.59 5.03 -0.10
N LEU A 206 -17.00 4.52 0.97
CA LEU A 206 -15.98 3.47 0.88
C LEU A 206 -16.67 2.16 0.56
N GLN A 207 -17.80 1.95 1.22
CA GLN A 207 -18.61 0.75 1.04
C GLN A 207 -19.05 0.64 -0.41
N GLU A 208 -19.39 1.77 -1.00
CA GLU A 208 -19.81 1.81 -2.38
C GLU A 208 -18.59 1.53 -3.26
N GLU A 209 -17.47 2.17 -2.92
CA GLU A 209 -16.24 1.96 -3.65
C GLU A 209 -15.81 0.49 -3.57
N GLY A 210 -15.97 -0.10 -2.40
CA GLY A 210 -15.60 -1.49 -2.21
C GLY A 210 -16.48 -2.38 -3.08
N ASN A 211 -17.78 -2.06 -3.11
CA ASN A 211 -18.73 -2.81 -3.92
C ASN A 211 -18.36 -2.76 -5.38
N ASN A 212 -17.90 -1.60 -5.82
CA ASN A 212 -17.53 -1.41 -7.20
C ASN A 212 -16.23 -2.14 -7.56
N ILE A 213 -15.29 -2.16 -6.64
CA ILE A 213 -14.04 -2.88 -6.88
C ILE A 213 -14.39 -4.37 -7.03
N LEU A 214 -15.35 -4.82 -6.25
CA LEU A 214 -15.76 -6.22 -6.32
C LEU A 214 -16.35 -6.51 -7.70
N ASP A 215 -17.21 -5.60 -8.18
CA ASP A 215 -17.86 -5.75 -9.49
C ASP A 215 -16.80 -5.99 -10.56
N ILE A 216 -15.74 -5.21 -10.48
CA ILE A 216 -14.64 -5.30 -11.42
C ILE A 216 -13.91 -6.64 -11.34
N LEU A 217 -13.74 -7.15 -10.12
CA LEU A 217 -13.08 -8.43 -9.91
C LEU A 217 -13.96 -9.57 -10.42
N LEU A 218 -15.24 -9.52 -10.04
CA LEU A 218 -16.20 -10.53 -10.48
C LEU A 218 -16.22 -10.55 -12.01
N GLN A 219 -16.23 -9.36 -12.60
CA GLN A 219 -16.26 -9.19 -14.04
C GLN A 219 -14.97 -9.73 -14.66
N PHE A 220 -13.84 -9.31 -14.13
CA PHE A 220 -12.55 -9.75 -14.64
C PHE A 220 -12.42 -11.27 -14.59
N HIS A 221 -12.99 -11.87 -13.56
CA HIS A 221 -12.95 -13.31 -13.37
C HIS A 221 -13.45 -14.09 -14.59
N GLY A 222 -14.55 -13.62 -15.17
CA GLY A 222 -15.12 -14.30 -16.31
C GLY A 222 -14.67 -13.86 -17.70
N THR A 223 -13.62 -13.04 -17.78
CA THR A 223 -13.12 -12.61 -19.07
C THR A 223 -12.50 -13.82 -19.78
N THR A 224 -12.84 -13.98 -21.05
CA THR A 224 -12.37 -15.11 -21.85
C THR A 224 -10.86 -15.34 -21.89
N HIS A 225 -10.06 -14.27 -21.90
CA HIS A 225 -8.62 -14.46 -21.97
C HIS A 225 -7.82 -14.17 -20.71
N ILE A 226 -8.40 -14.50 -19.57
CA ILE A 226 -7.71 -14.30 -18.31
C ILE A 226 -6.65 -15.41 -18.22
N SER A 227 -5.44 -15.05 -17.84
CA SER A 227 -4.35 -16.01 -17.72
C SER A 227 -4.62 -17.00 -16.59
N SER A 228 -3.97 -18.16 -16.64
CA SER A 228 -4.18 -19.16 -15.60
C SER A 228 -3.72 -18.63 -14.25
N VAL A 229 -2.64 -17.88 -14.24
CA VAL A 229 -2.11 -17.30 -13.01
C VAL A 229 -3.08 -16.24 -12.49
N ASN A 230 -3.63 -15.43 -13.40
CA ASN A 230 -4.58 -14.41 -13.01
C ASN A 230 -5.93 -15.01 -12.57
N LEU A 231 -6.27 -16.19 -13.10
CA LEU A 231 -7.52 -16.85 -12.73
C LEU A 231 -7.43 -17.35 -11.30
N ILE A 232 -6.31 -18.00 -10.98
CA ILE A 232 -6.07 -18.51 -9.63
C ILE A 232 -6.10 -17.37 -8.61
N ALA A 233 -5.35 -16.32 -8.88
CA ALA A 233 -5.28 -15.16 -7.99
C ALA A 233 -6.64 -14.51 -7.81
N CYS A 234 -7.37 -14.36 -8.91
CA CYS A 234 -8.69 -13.74 -8.85
C CYS A 234 -9.68 -14.65 -8.15
N THR A 235 -9.65 -15.94 -8.48
CA THR A 235 -10.56 -16.88 -7.85
C THR A 235 -10.28 -16.87 -6.35
N SER A 236 -9.00 -16.95 -6.00
CA SER A 236 -8.57 -16.94 -4.61
C SER A 236 -9.05 -15.74 -3.80
N SER A 237 -8.87 -14.54 -4.36
CA SER A 237 -9.29 -13.31 -3.67
C SER A 237 -10.80 -13.26 -3.49
N LEU A 238 -11.54 -13.78 -4.48
CA LEU A 238 -12.99 -13.80 -4.42
C LEU A 238 -13.46 -14.72 -3.29
N CYS A 239 -12.80 -15.86 -3.14
CA CYS A 239 -13.17 -16.78 -2.08
C CYS A 239 -12.87 -16.10 -0.75
N THR A 240 -11.70 -15.47 -0.64
CA THR A 240 -11.33 -14.80 0.58
C THR A 240 -12.32 -13.70 0.92
N ILE A 241 -12.74 -12.95 -0.08
CA ILE A 241 -13.70 -11.90 0.16
C ILE A 241 -15.00 -12.52 0.66
N ALA A 242 -15.47 -13.55 -0.04
CA ALA A 242 -16.71 -14.22 0.31
C ALA A 242 -16.68 -14.78 1.74
N LYS A 243 -15.52 -15.26 2.18
CA LYS A 243 -15.39 -15.80 3.55
C LYS A 243 -15.30 -14.70 4.61
N MET A 244 -14.48 -13.69 4.33
CA MET A 244 -14.29 -12.57 5.25
C MET A 244 -15.54 -11.72 5.36
N ARG A 245 -16.25 -11.59 4.25
CA ARG A 245 -17.47 -10.78 4.20
C ARG A 245 -18.54 -11.58 3.47
N PRO A 246 -19.27 -12.44 4.20
CA PRO A 246 -20.34 -13.30 3.72
C PRO A 246 -21.38 -12.62 2.83
N ILE A 247 -21.68 -11.37 3.16
CA ILE A 247 -22.65 -10.55 2.41
C ILE A 247 -22.41 -10.56 0.90
N PHE A 248 -21.20 -10.95 0.50
CA PHE A 248 -20.83 -11.00 -0.90
C PHE A 248 -20.83 -12.43 -1.44
N MET A 249 -20.99 -13.41 -0.55
CA MET A 249 -20.96 -14.80 -1.01
C MET A 249 -21.91 -15.11 -2.15
N GLY A 250 -23.08 -14.47 -2.16
CA GLY A 250 -24.04 -14.70 -3.21
C GLY A 250 -23.43 -14.36 -4.56
N ALA A 251 -22.95 -13.13 -4.67
CA ALA A 251 -22.36 -12.64 -5.90
C ALA A 251 -21.15 -13.46 -6.35
N VAL A 252 -20.34 -13.91 -5.40
CA VAL A 252 -19.16 -14.70 -5.74
C VAL A 252 -19.53 -16.07 -6.31
N VAL A 253 -20.49 -16.74 -5.67
CA VAL A 253 -20.95 -18.05 -6.12
C VAL A 253 -21.58 -17.93 -7.50
N GLU A 254 -22.28 -16.82 -7.72
CA GLU A 254 -22.91 -16.58 -9.00
C GLU A 254 -21.84 -16.48 -10.06
N ALA A 255 -20.75 -15.77 -9.75
CA ALA A 255 -19.66 -15.61 -10.70
C ALA A 255 -19.01 -16.95 -11.03
N PHE A 256 -18.88 -17.81 -10.03
CA PHE A 256 -18.28 -19.13 -10.20
C PHE A 256 -19.10 -20.09 -11.06
N LYS A 257 -20.37 -19.77 -11.25
CA LYS A 257 -21.28 -20.62 -12.03
C LYS A 257 -21.96 -19.84 -13.14
#